data_2O9G
#
_entry.id   2O9G
#
_cell.length_a   91.156
_cell.length_b   91.156
_cell.length_c   77.145
_cell.angle_alpha   90.00
_cell.angle_beta   90.00
_cell.angle_gamma   90.00
#
_symmetry.space_group_name_H-M   'I 4'
#
loop_
_entity.id
_entity.type
_entity.pdbx_description
1 polymer 'Aquaporin Z'
2 non-polymer 'octyl beta-D-glucopyranoside'
3 non-polymer 'MERCURY (II) ION'
4 water water
#
_entity_poly.entity_id   1
_entity_poly.type   'polypeptide(L)'
_entity_poly.pdbx_seq_one_letter_code
;ASHMFRKLAAESFGTFWLVFGGSGSAVLAAGFPELGIGFAGVALAFGLTVLTMAFAVGHISGGHFNPAVTIGLWAGGRFP
AKEVVGYVIAQVVGGIVAAALLYLIASGKTGFDAAASGFASNGYGEHSPGGYSMLSALVVELVLSAGFLLVIHGATDKFA
PAGFAPIAIGLACTLIHLISIPVTNTSVNPARSTAVAIFQGGWALEQLWFFWVVPIVGGIIGGLIYRTLLEKRD
;
_entity_poly.pdbx_strand_id   A
#
loop_
_chem_comp.id
_chem_comp.type
_chem_comp.name
_chem_comp.formula
BOG D-saccharide 'octyl beta-D-glucopyranoside' 'C14 H28 O6'
HG non-polymer 'MERCURY (II) ION' 'Hg 2'
#
# COMPACT_ATOMS: atom_id res chain seq x y z
N ALA A 1 -5.99 -22.86 -2.82
CA ALA A 1 -4.77 -22.14 -3.22
C ALA A 1 -4.68 -21.88 -4.72
N SER A 2 -5.80 -22.03 -5.43
CA SER A 2 -5.89 -21.64 -6.85
C SER A 2 -7.33 -21.39 -7.34
N HIS A 3 -8.35 -22.01 -6.72
CA HIS A 3 -9.72 -21.55 -6.97
C HIS A 3 -9.85 -20.13 -6.45
N MET A 4 -10.72 -19.36 -7.09
CA MET A 4 -10.77 -17.92 -6.83
C MET A 4 -11.03 -17.56 -5.37
N PHE A 5 -11.82 -18.36 -4.64
CA PHE A 5 -12.11 -17.90 -3.27
C PHE A 5 -10.88 -18.00 -2.35
N ARG A 6 -10.00 -18.95 -2.62
CA ARG A 6 -8.71 -19.03 -1.92
C ARG A 6 -7.77 -17.85 -2.27
N LYS A 7 -7.80 -17.43 -3.54
CA LYS A 7 -6.99 -16.28 -3.99
C LYS A 7 -7.50 -15.02 -3.36
N LEU A 8 -8.83 -14.89 -3.28
CA LEU A 8 -9.44 -13.73 -2.64
C LEU A 8 -9.18 -13.75 -1.14
N ALA A 9 -9.26 -14.92 -0.52
CA ALA A 9 -8.90 -15.01 0.91
C ALA A 9 -7.42 -14.58 1.10
N ALA A 10 -6.52 -15.03 0.22
CA ALA A 10 -5.09 -14.67 0.30
C ALA A 10 -4.91 -13.15 0.20
N GLU A 11 -5.64 -12.56 -0.74
CA GLU A 11 -5.54 -11.12 -0.96
C GLU A 11 -6.07 -10.34 0.24
N SER A 12 -7.17 -10.83 0.82
CA SER A 12 -7.74 -10.18 2.02
C SER A 12 -6.78 -10.28 3.19
N PHE A 13 -6.23 -11.47 3.42
CA PHE A 13 -5.29 -11.70 4.54
C PHE A 13 -4.03 -10.87 4.38
N GLY A 14 -3.55 -10.79 3.13
CA GLY A 14 -2.30 -10.06 2.83
C GLY A 14 -2.49 -8.56 3.00
N THR A 15 -3.60 -8.01 2.51
CA THR A 15 -3.90 -6.60 2.74
C THR A 15 -4.19 -6.30 4.24
N PHE A 16 -4.88 -7.21 4.92
CA PHE A 16 -5.02 -7.11 6.38
C PHE A 16 -3.62 -6.96 7.02
N TRP A 17 -2.69 -7.82 6.64
CA TRP A 17 -1.34 -7.84 7.23
C TRP A 17 -0.60 -6.53 6.97
N LEU A 18 -0.72 -6.03 5.73
CA LEU A 18 -0.13 -4.74 5.32
C LEU A 18 -0.64 -3.57 6.20
N VAL A 19 -1.96 -3.47 6.30
CA VAL A 19 -2.57 -2.40 7.08
C VAL A 19 -2.28 -2.57 8.57
N PHE A 20 -2.49 -3.77 9.09
CA PHE A 20 -2.25 -3.97 10.51
C PHE A 20 -0.78 -3.71 10.88
N GLY A 21 0.15 -4.16 10.04
CA GLY A 21 1.57 -4.06 10.35
C GLY A 21 2.14 -2.70 10.05
N GLY A 22 1.87 -2.18 8.87
CA GLY A 22 2.38 -0.89 8.48
C GLY A 22 1.76 0.23 9.31
N SER A 23 0.43 0.34 9.26
CA SER A 23 -0.27 1.37 10.04
C SER A 23 -0.12 1.14 11.53
N GLY A 24 -0.13 -0.11 11.95
CA GLY A 24 0.05 -0.43 13.36
C GLY A 24 1.38 0.03 13.89
N SER A 25 2.45 -0.18 13.14
CA SER A 25 3.79 0.27 13.56
C SER A 25 3.77 1.81 13.71
N ALA A 26 3.04 2.48 12.81
CA ALA A 26 2.95 3.96 12.80
C ALA A 26 2.17 4.46 14.00
N VAL A 27 1.05 3.82 14.27
CA VAL A 27 0.15 4.24 15.35
C VAL A 27 0.72 3.89 16.72
N LEU A 28 1.29 2.69 16.86
CA LEU A 28 1.70 2.20 18.18
C LEU A 28 3.17 2.50 18.52
N ALA A 29 4.03 2.57 17.51
CA ALA A 29 5.47 2.52 17.80
C ALA A 29 6.33 3.68 17.30
N ALA A 30 5.90 4.33 16.23
CA ALA A 30 6.73 5.35 15.59
C ALA A 30 7.19 6.46 16.54
N GLY A 31 6.25 7.02 17.31
CA GLY A 31 6.55 8.18 18.17
C GLY A 31 6.72 7.84 19.64
N PHE A 32 6.93 6.57 19.96
CA PHE A 32 7.08 6.17 21.35
C PHE A 32 8.26 6.91 21.95
N PRO A 33 8.08 7.55 23.11
CA PRO A 33 9.18 8.39 23.61
C PRO A 33 10.53 7.66 23.76
N GLU A 34 11.59 8.29 23.26
CA GLU A 34 13.00 7.85 23.35
C GLU A 34 13.37 6.62 22.49
N LEU A 35 12.50 5.61 22.48
CA LEU A 35 12.87 4.31 21.92
C LEU A 35 12.09 4.02 20.62
N GLY A 36 11.21 4.94 20.26
CA GLY A 36 10.25 4.72 19.18
C GLY A 36 10.95 4.49 17.86
N ILE A 37 10.23 3.91 16.90
CA ILE A 37 10.88 3.40 15.67
C ILE A 37 11.06 4.43 14.55
N GLY A 38 10.35 5.55 14.62
CA GLY A 38 10.49 6.66 13.65
C GLY A 38 9.88 6.31 12.30
N PHE A 39 10.01 7.23 11.34
CA PHE A 39 9.59 6.96 9.95
C PHE A 39 10.32 5.76 9.34
N ALA A 40 11.61 5.60 9.68
CA ALA A 40 12.40 4.53 9.09
C ALA A 40 11.90 3.16 9.55
N GLY A 41 11.48 3.08 10.82
CA GLY A 41 10.93 1.84 11.38
C GLY A 41 9.60 1.54 10.73
N VAL A 42 8.80 2.58 10.47
CA VAL A 42 7.49 2.34 9.80
C VAL A 42 7.66 1.84 8.37
N ALA A 43 8.58 2.48 7.64
CA ALA A 43 8.93 2.12 6.27
C ALA A 43 9.36 0.66 6.22
N LEU A 44 10.25 0.27 7.14
CA LEU A 44 10.68 -1.13 7.24
C LEU A 44 9.46 -2.03 7.45
N ALA A 45 8.59 -1.66 8.40
CA ALA A 45 7.42 -2.46 8.69
C ALA A 45 6.54 -2.63 7.46
N PHE A 46 6.22 -1.55 6.75
CA PHE A 46 5.38 -1.70 5.55
C PHE A 46 6.01 -2.66 4.55
N GLY A 47 7.29 -2.48 4.27
CA GLY A 47 7.98 -3.36 3.33
C GLY A 47 7.98 -4.82 3.78
N LEU A 48 8.16 -5.04 5.07
CA LEU A 48 8.16 -6.43 5.57
C LEU A 48 6.77 -7.08 5.49
N THR A 49 5.69 -6.31 5.65
CA THR A 49 4.35 -6.94 5.50
C THR A 49 4.23 -7.48 4.09
N VAL A 50 4.72 -6.73 3.10
CA VAL A 50 4.61 -7.09 1.71
C VAL A 50 5.54 -8.25 1.40
N LEU A 51 6.79 -8.16 1.90
CA LEU A 51 7.76 -9.23 1.64
C LEU A 51 7.28 -10.58 2.22
N THR A 52 6.79 -10.53 3.45
CA THR A 52 6.43 -11.75 4.14
C THR A 52 5.22 -12.42 3.52
N MET A 53 4.19 -11.62 3.20
CA MET A 53 2.97 -12.18 2.61
C MET A 53 3.15 -12.55 1.13
N ALA A 54 4.04 -11.84 0.44
CA ALA A 54 4.37 -12.25 -0.94
C ALA A 54 4.99 -13.63 -0.93
N PHE A 55 5.91 -13.90 0.00
CA PHE A 55 6.43 -15.26 0.15
C PHE A 55 5.34 -16.25 0.63
N ALA A 56 4.46 -15.80 1.52
CA ALA A 56 3.47 -16.70 2.13
C ALA A 56 2.34 -17.08 1.16
N VAL A 57 1.82 -16.12 0.42
CA VAL A 57 0.62 -16.37 -0.42
C VAL A 57 0.75 -15.91 -1.86
N GLY A 58 1.92 -15.43 -2.23
CA GLY A 58 2.20 -15.04 -3.64
C GLY A 58 1.96 -16.18 -4.62
N HIS A 59 2.34 -17.40 -4.22
CA HIS A 59 2.11 -18.60 -5.06
C HIS A 59 0.63 -18.99 -5.15
N ILE A 60 -0.22 -18.35 -4.35
CA ILE A 60 -1.64 -18.55 -4.41
C ILE A 60 -2.31 -17.50 -5.33
N SER A 61 -2.21 -16.21 -4.98
CA SER A 61 -2.97 -15.18 -5.71
C SER A 61 -2.15 -14.26 -6.64
N GLY A 62 -0.83 -14.33 -6.56
CA GLY A 62 0.02 -13.31 -7.21
C GLY A 62 0.57 -12.32 -6.19
N GLY A 63 -0.13 -12.21 -5.06
CA GLY A 63 0.28 -11.39 -3.92
C GLY A 63 0.35 -9.92 -4.29
N HIS A 64 -0.81 -9.33 -4.57
CA HIS A 64 -0.92 -7.92 -4.97
C HIS A 64 -1.10 -7.04 -3.74
N PHE A 65 -2.14 -7.35 -2.95
CA PHE A 65 -2.41 -6.63 -1.69
C PHE A 65 -2.67 -5.12 -1.84
N ASN A 66 -3.03 -4.68 -3.05
CA ASN A 66 -2.97 -3.25 -3.38
C ASN A 66 -3.73 -3.04 -4.67
N PRO A 67 -4.86 -2.31 -4.62
CA PRO A 67 -5.63 -2.02 -5.83
C PRO A 67 -4.83 -1.46 -7.00
N ALA A 68 -3.83 -0.62 -6.74
CA ALA A 68 -3.04 -0.01 -7.82
C ALA A 68 -2.08 -1.01 -8.47
N VAL A 69 -1.67 -2.02 -7.68
CA VAL A 69 -0.90 -3.15 -8.20
C VAL A 69 -1.73 -4.03 -9.13
N THR A 70 -2.91 -4.44 -8.66
CA THR A 70 -3.84 -5.23 -9.49
C THR A 70 -4.14 -4.54 -10.83
N ILE A 71 -4.50 -3.26 -10.75
CA ILE A 71 -4.88 -2.48 -11.94
C ILE A 71 -3.65 -2.22 -12.83
N GLY A 72 -2.50 -1.97 -12.19
CA GLY A 72 -1.27 -1.74 -12.96
C GLY A 72 -0.84 -2.99 -13.72
N LEU A 73 -1.01 -4.15 -13.10
CA LEU A 73 -0.68 -5.44 -13.72
C LEU A 73 -1.66 -5.73 -14.87
N TRP A 74 -2.92 -5.32 -14.69
CA TRP A 74 -3.88 -5.39 -15.81
C TRP A 74 -3.37 -4.54 -16.98
N ALA A 75 -2.99 -3.29 -16.68
CA ALA A 75 -2.46 -2.38 -17.70
C ALA A 75 -1.21 -2.94 -18.36
N GLY A 76 -0.36 -3.62 -17.59
CA GLY A 76 0.86 -4.20 -18.11
C GLY A 76 0.68 -5.53 -18.83
N GLY A 77 -0.57 -5.99 -18.99
CA GLY A 77 -0.82 -7.23 -19.72
C GLY A 77 -0.53 -8.51 -18.94
N ARG A 78 -0.43 -8.39 -17.62
CA ARG A 78 -0.04 -9.50 -16.74
C ARG A 78 -1.21 -10.11 -15.98
N PHE A 79 -2.37 -9.47 -16.01
CA PHE A 79 -3.48 -9.90 -15.16
C PHE A 79 -4.82 -9.61 -15.84
N PRO A 80 -5.74 -10.58 -15.81
CA PRO A 80 -7.00 -10.41 -16.57
C PRO A 80 -7.99 -9.43 -15.96
N ALA A 81 -8.61 -8.61 -16.82
CA ALA A 81 -9.59 -7.62 -16.42
C ALA A 81 -10.71 -8.22 -15.58
N LYS A 82 -11.16 -9.42 -15.96
CA LYS A 82 -12.28 -10.08 -15.26
C LYS A 82 -12.01 -10.43 -13.79
N GLU A 83 -10.75 -10.45 -13.36
CA GLU A 83 -10.42 -10.75 -11.95
C GLU A 83 -10.13 -9.52 -11.09
N VAL A 84 -9.94 -8.38 -11.76
CA VAL A 84 -9.58 -7.13 -11.09
C VAL A 84 -10.52 -6.76 -9.94
N VAL A 85 -11.84 -6.69 -10.20
CA VAL A 85 -12.77 -6.13 -9.19
C VAL A 85 -12.83 -6.96 -7.92
N GLY A 86 -12.83 -8.29 -8.07
CA GLY A 86 -12.84 -9.22 -6.94
C GLY A 86 -11.62 -9.03 -6.04
N TYR A 87 -10.44 -8.91 -6.67
CA TYR A 87 -9.21 -8.60 -5.94
C TYR A 87 -9.30 -7.26 -5.18
N VAL A 88 -9.73 -6.20 -5.85
CA VAL A 88 -9.87 -4.89 -5.19
C VAL A 88 -10.82 -4.93 -3.98
N ILE A 89 -11.99 -5.60 -4.14
CA ILE A 89 -12.90 -5.76 -3.00
C ILE A 89 -12.20 -6.51 -1.84
N ALA A 90 -11.50 -7.59 -2.16
CA ALA A 90 -10.88 -8.44 -1.13
C ALA A 90 -9.83 -7.64 -0.35
N GLN A 91 -9.11 -6.79 -1.09
CA GLN A 91 -8.06 -5.97 -0.48
C GLN A 91 -8.67 -4.93 0.43
N VAL A 92 -9.71 -4.26 -0.07
CA VAL A 92 -10.39 -3.22 0.73
C VAL A 92 -10.98 -3.84 1.98
N VAL A 93 -11.66 -4.98 1.86
CA VAL A 93 -12.26 -5.63 3.03
C VAL A 93 -11.17 -6.06 4.06
N GLY A 94 -10.13 -6.74 3.60
CA GLY A 94 -9.03 -7.14 4.48
C GLY A 94 -8.47 -5.96 5.24
N GLY A 95 -8.21 -4.87 4.53
CA GLY A 95 -7.66 -3.69 5.15
C GLY A 95 -8.54 -3.06 6.21
N ILE A 96 -9.84 -2.99 5.95
CA ILE A 96 -10.78 -2.39 6.93
C ILE A 96 -10.86 -3.22 8.20
N VAL A 97 -10.89 -4.55 8.07
CA VAL A 97 -10.90 -5.40 9.26
C VAL A 97 -9.63 -5.13 10.14
N ALA A 98 -8.48 -5.01 9.47
CA ALA A 98 -7.22 -4.71 10.14
C ALA A 98 -7.25 -3.36 10.87
N ALA A 99 -7.74 -2.32 10.21
CA ALA A 99 -7.80 -0.98 10.83
C ALA A 99 -8.72 -1.03 12.03
N ALA A 100 -9.78 -1.85 11.94
CA ALA A 100 -10.75 -1.99 13.02
C ALA A 100 -10.12 -2.61 14.25
N LEU A 101 -9.41 -3.73 14.06
CA LEU A 101 -8.69 -4.34 15.18
C LEU A 101 -7.59 -3.41 15.71
N LEU A 102 -6.90 -2.72 14.81
CA LEU A 102 -5.86 -1.78 15.25
C LEU A 102 -6.51 -0.68 16.08
N TYR A 103 -7.66 -0.21 15.64
CA TYR A 103 -8.35 0.86 16.36
C TYR A 103 -8.67 0.36 17.78
N LEU A 104 -9.11 -0.87 17.89
CA LEU A 104 -9.42 -1.46 19.20
C LEU A 104 -8.17 -1.50 20.11
N ILE A 105 -7.06 -1.99 19.56
CA ILE A 105 -5.81 -2.10 20.29
C ILE A 105 -5.31 -0.74 20.74
N ALA A 106 -5.31 0.22 19.81
CA ALA A 106 -4.84 1.58 20.09
C ALA A 106 -5.64 2.27 21.19
N SER A 107 -6.95 2.00 21.20
CA SER A 107 -7.88 2.55 22.19
C SER A 107 -7.62 2.08 23.64
N GLY A 108 -6.78 1.07 23.81
CA GLY A 108 -6.47 0.53 25.13
C GLY A 108 -5.39 1.29 25.87
N LYS A 109 -4.92 2.39 25.28
CA LYS A 109 -3.95 3.29 25.91
C LYS A 109 -4.63 4.65 26.18
N THR A 110 -4.52 5.10 27.43
CA THR A 110 -5.08 6.40 27.83
C THR A 110 -4.58 7.53 26.93
N GLY A 111 -5.51 8.30 26.39
CA GLY A 111 -5.17 9.49 25.61
C GLY A 111 -5.27 9.29 24.12
N PHE A 112 -5.47 8.05 23.68
CA PHE A 112 -5.45 7.78 22.24
C PHE A 112 -6.60 8.51 21.56
N ASP A 113 -6.32 9.15 20.42
CA ASP A 113 -7.34 9.91 19.71
C ASP A 113 -7.08 9.75 18.21
N ALA A 114 -7.86 8.88 17.57
CA ALA A 114 -7.67 8.54 16.17
C ALA A 114 -7.78 9.76 15.27
N ALA A 115 -8.84 10.55 15.48
CA ALA A 115 -9.15 11.69 14.62
C ALA A 115 -8.07 12.75 14.74
N ALA A 116 -7.69 13.07 15.98
CA ALA A 116 -6.71 14.11 16.24
C ALA A 116 -5.31 13.70 15.81
N SER A 117 -4.95 12.45 16.07
CA SER A 117 -3.60 11.96 15.69
C SER A 117 -3.48 11.69 14.19
N GLY A 118 -4.60 11.52 13.50
CA GLY A 118 -4.61 11.21 12.07
C GLY A 118 -4.70 9.72 11.80
N PHE A 119 -4.46 8.89 12.83
CA PHE A 119 -4.52 7.43 12.68
C PHE A 119 -3.77 6.96 11.41
N ALA A 120 -2.58 7.50 11.19
CA ALA A 120 -1.71 7.05 10.08
C ALA A 120 -2.33 7.30 8.70
N SER A 121 -3.26 8.25 8.60
CA SER A 121 -3.94 8.47 7.32
C SER A 121 -3.08 9.28 6.36
N ASN A 122 -3.40 9.14 5.08
CA ASN A 122 -2.73 9.88 4.05
C ASN A 122 -3.43 11.20 3.78
N GLY A 123 -2.65 12.26 3.67
CA GLY A 123 -3.23 13.58 3.43
C GLY A 123 -2.25 14.44 2.69
N TYR A 124 -2.75 15.56 2.17
CA TYR A 124 -1.91 16.53 1.48
C TYR A 124 -2.24 17.93 1.99
N GLY A 125 -1.32 18.87 1.71
CA GLY A 125 -1.50 20.26 2.11
C GLY A 125 -1.49 20.44 3.62
N GLU A 126 -2.58 20.97 4.12
CA GLU A 126 -2.83 21.10 5.55
C GLU A 126 -2.63 19.77 6.26
N HIS A 127 -2.88 18.66 5.56
CA HIS A 127 -2.86 17.32 6.18
C HIS A 127 -1.67 16.44 5.74
N SER A 128 -0.74 17.04 5.03
CA SER A 128 0.56 16.42 4.79
C SER A 128 1.36 16.52 6.08
N PRO A 129 2.07 15.45 6.49
CA PRO A 129 2.94 15.54 7.69
C PRO A 129 3.94 16.73 7.71
N GLY A 130 4.54 17.04 6.54
CA GLY A 130 5.50 18.13 6.42
C GLY A 130 4.92 19.41 5.81
N GLY A 131 3.60 19.47 5.66
CA GLY A 131 2.94 20.62 5.05
C GLY A 131 3.22 20.82 3.57
N TYR A 132 3.45 19.73 2.84
CA TYR A 132 3.62 19.79 1.39
C TYR A 132 2.31 20.08 0.66
N SER A 133 2.42 20.84 -0.42
CA SER A 133 1.28 21.21 -1.27
C SER A 133 0.65 19.99 -1.96
N MET A 134 -0.59 20.17 -2.42
CA MET A 134 -1.26 19.15 -3.21
C MET A 134 -0.44 18.76 -4.45
N LEU A 135 0.19 19.73 -5.12
CA LEU A 135 1.04 19.43 -6.26
C LEU A 135 2.24 18.52 -5.89
N SER A 136 2.90 18.81 -4.77
CA SER A 136 3.96 17.90 -4.27
C SER A 136 3.44 16.49 -4.04
N ALA A 137 2.24 16.40 -3.48
CA ALA A 137 1.60 15.12 -3.19
C ALA A 137 1.33 14.36 -4.48
N LEU A 138 0.79 15.08 -5.47
CA LEU A 138 0.51 14.48 -6.78
C LEU A 138 1.76 13.89 -7.42
N VAL A 139 2.82 14.69 -7.50
CA VAL A 139 4.03 14.25 -8.22
C VAL A 139 4.68 13.07 -7.51
N VAL A 140 4.79 13.12 -6.19
CA VAL A 140 5.48 12.03 -5.48
C VAL A 140 4.70 10.72 -5.58
N GLU A 141 3.37 10.75 -5.44
CA GLU A 141 2.57 9.54 -5.51
C GLU A 141 2.52 8.99 -6.94
N LEU A 142 2.53 9.88 -7.94
CA LEU A 142 2.53 9.44 -9.33
C LEU A 142 3.84 8.72 -9.64
N VAL A 143 4.97 9.35 -9.30
CA VAL A 143 6.28 8.79 -9.59
C VAL A 143 6.50 7.45 -8.85
N LEU A 144 6.17 7.41 -7.55
CA LEU A 144 6.45 6.24 -6.73
C LEU A 144 5.51 5.09 -7.06
N SER A 145 4.28 5.40 -7.46
CA SER A 145 3.36 4.37 -7.92
C SER A 145 3.80 3.78 -9.24
N ALA A 146 4.27 4.63 -10.15
CA ALA A 146 4.73 4.11 -11.46
C ALA A 146 5.98 3.25 -11.29
N GLY A 147 6.92 3.73 -10.49
CA GLY A 147 8.15 2.99 -10.21
C GLY A 147 7.89 1.66 -9.51
N PHE A 148 7.00 1.67 -8.51
CA PHE A 148 6.62 0.45 -7.80
C PHE A 148 6.06 -0.56 -8.80
N LEU A 149 5.16 -0.13 -9.68
CA LEU A 149 4.70 -1.02 -10.75
C LEU A 149 5.80 -1.49 -11.73
N LEU A 150 6.73 -0.60 -12.07
CA LEU A 150 7.80 -0.99 -12.94
C LEU A 150 8.65 -2.06 -12.27
N VAL A 151 8.97 -1.85 -10.98
CA VAL A 151 9.73 -2.85 -10.22
C VAL A 151 8.99 -4.21 -10.17
N ILE A 152 7.69 -4.17 -9.87
CA ILE A 152 6.89 -5.39 -9.85
C ILE A 152 6.91 -6.10 -11.21
N HIS A 153 6.69 -5.36 -12.30
CA HIS A 153 6.72 -6.01 -13.62
C HIS A 153 8.10 -6.64 -13.91
N GLY A 154 9.17 -5.90 -13.64
CA GLY A 154 10.53 -6.36 -13.94
C GLY A 154 10.96 -7.57 -13.12
N ALA A 155 10.72 -7.51 -11.80
CA ALA A 155 11.16 -8.56 -10.89
C ALA A 155 10.42 -9.87 -11.17
N THR A 156 9.23 -9.78 -11.78
CA THR A 156 8.45 -10.97 -12.14
C THR A 156 8.48 -11.23 -13.65
N ASP A 157 9.40 -10.58 -14.38
CA ASP A 157 9.58 -10.84 -15.82
C ASP A 157 10.01 -12.30 -16.03
N LYS A 158 9.71 -12.80 -17.23
CA LYS A 158 10.06 -14.16 -17.66
C LYS A 158 11.53 -14.44 -17.35
N PHE A 159 12.37 -13.44 -17.57
CA PHE A 159 13.81 -13.63 -17.50
C PHE A 159 14.45 -13.20 -16.18
N ALA A 160 13.64 -12.80 -15.21
CA ALA A 160 14.16 -12.48 -13.88
C ALA A 160 14.35 -13.81 -13.14
N PRO A 161 15.54 -14.05 -12.57
CA PRO A 161 15.68 -15.27 -11.72
C PRO A 161 14.58 -15.52 -10.68
N ALA A 162 14.16 -16.76 -10.62
CA ALA A 162 12.95 -17.15 -9.93
C ALA A 162 13.13 -17.14 -8.42
N GLY A 163 12.04 -16.79 -7.74
CA GLY A 163 12.00 -16.84 -6.29
C GLY A 163 12.30 -15.55 -5.55
N PHE A 164 12.93 -14.58 -6.22
CA PHE A 164 13.42 -13.35 -5.54
C PHE A 164 12.42 -12.19 -5.52
N ALA A 165 11.34 -12.31 -6.27
CA ALA A 165 10.45 -11.17 -6.45
C ALA A 165 9.90 -10.58 -5.13
N PRO A 166 9.49 -11.45 -4.16
CA PRO A 166 8.99 -10.88 -2.89
C PRO A 166 9.99 -9.98 -2.17
N ILE A 167 11.27 -10.28 -2.33
CA ILE A 167 12.33 -9.43 -1.77
C ILE A 167 12.40 -8.08 -2.51
N ALA A 168 12.45 -8.12 -3.85
CA ALA A 168 12.50 -6.88 -4.63
C ALA A 168 11.28 -5.99 -4.35
N ILE A 169 10.12 -6.61 -4.30
CA ILE A 169 8.86 -5.86 -4.21
C ILE A 169 8.66 -5.31 -2.80
N GLY A 170 8.84 -6.16 -1.78
CA GLY A 170 8.75 -5.72 -0.38
C GLY A 170 9.72 -4.61 -0.03
N LEU A 171 10.96 -4.73 -0.46
CA LEU A 171 11.93 -3.66 -0.19
C LEU A 171 11.69 -2.42 -1.04
N ALA A 172 11.05 -2.57 -2.22
CA ALA A 172 10.61 -1.37 -2.96
C ALA A 172 9.55 -0.60 -2.17
N CYS A 173 8.69 -1.33 -1.48
CA CYS A 173 7.71 -0.73 -0.58
C CYS A 173 8.40 0.04 0.57
N THR A 174 9.38 -0.57 1.23
CA THR A 174 10.15 0.14 2.27
C THR A 174 10.76 1.43 1.69
N LEU A 175 11.39 1.32 0.52
CA LEU A 175 12.02 2.48 -0.09
C LEU A 175 11.02 3.62 -0.28
N ILE A 176 9.90 3.28 -0.87
CA ILE A 176 8.85 4.26 -1.14
C ILE A 176 8.41 5.01 0.13
N HIS A 177 8.22 4.27 1.23
CA HIS A 177 7.95 4.91 2.54
C HIS A 177 9.10 5.74 3.09
N LEU A 178 10.36 5.35 2.83
CA LEU A 178 11.49 6.15 3.30
C LEU A 178 11.51 7.51 2.64
N ILE A 179 11.07 7.54 1.38
CA ILE A 179 11.07 8.78 0.61
C ILE A 179 9.93 9.70 1.02
N SER A 180 8.70 9.18 1.05
CA SER A 180 7.53 10.04 0.90
C SER A 180 6.66 10.21 2.13
N ILE A 181 6.99 9.56 3.24
CA ILE A 181 6.18 9.79 4.44
C ILE A 181 6.00 11.29 4.74
N PRO A 182 7.08 12.08 4.75
CA PRO A 182 6.84 13.52 5.01
C PRO A 182 5.88 14.25 4.07
N VAL A 183 5.71 13.75 2.85
CA VAL A 183 4.86 14.43 1.85
C VAL A 183 3.39 14.07 2.01
N THR A 184 3.08 12.77 2.06
CA THR A 184 1.68 12.33 2.07
C THR A 184 1.40 11.27 3.15
N ASN A 185 2.42 10.95 3.93
CA ASN A 185 2.38 9.79 4.84
C ASN A 185 2.44 8.46 4.07
N THR A 186 2.63 8.57 2.74
CA THR A 186 2.83 7.45 1.77
C THR A 186 1.57 6.61 1.57
N SER A 187 0.91 6.78 0.44
CA SER A 187 -0.16 5.86 0.11
C SER A 187 0.35 4.79 -0.85
N VAL A 188 0.46 5.15 -2.13
CA VAL A 188 0.69 4.20 -3.23
C VAL A 188 -0.19 2.93 -3.10
N ASN A 189 -1.24 3.01 -2.28
CA ASN A 189 -2.09 1.88 -1.99
C ASN A 189 -3.46 2.35 -1.55
N PRO A 190 -4.41 2.37 -2.49
CA PRO A 190 -5.74 2.87 -2.16
C PRO A 190 -6.45 2.11 -1.05
N ALA A 191 -6.25 0.79 -0.95
CA ALA A 191 -6.90 0.02 0.12
C ALA A 191 -6.36 0.39 1.50
N ARG A 192 -5.04 0.58 1.61
CA ARG A 192 -4.43 1.05 2.86
C ARG A 192 -4.98 2.42 3.28
N SER A 193 -5.06 3.35 2.33
CA SER A 193 -5.57 4.68 2.66
C SER A 193 -7.01 4.64 3.15
N THR A 194 -7.82 3.82 2.49
CA THR A 194 -9.25 3.73 2.80
C THR A 194 -9.47 3.19 4.22
N ALA A 195 -8.74 2.14 4.57
CA ALA A 195 -8.99 1.38 5.79
C ALA A 195 -8.82 2.28 7.02
N VAL A 196 -7.77 3.05 6.97
CA VAL A 196 -7.37 3.95 8.03
C VAL A 196 -8.20 5.28 8.03
N ALA A 197 -8.51 5.80 6.83
CA ALA A 197 -9.34 7.00 6.71
C ALA A 197 -10.69 6.82 7.41
N ILE A 198 -11.27 5.62 7.33
CA ILE A 198 -12.58 5.33 7.93
C ILE A 198 -12.58 5.65 9.43
N PHE A 199 -11.47 5.35 10.10
CA PHE A 199 -11.39 5.54 11.55
C PHE A 199 -10.87 6.90 11.96
N GLN A 200 -10.08 7.56 11.10
CA GLN A 200 -9.71 8.97 11.33
C GLN A 200 -11.02 9.79 11.22
N GLY A 201 -11.83 9.45 10.22
CA GLY A 201 -13.24 9.84 10.19
C GLY A 201 -13.58 11.26 9.74
N GLY A 202 -12.56 12.02 9.33
CA GLY A 202 -12.71 13.45 8.99
C GLY A 202 -12.01 13.84 7.69
N TRP A 203 -10.98 14.67 7.78
CA TRP A 203 -10.24 15.09 6.57
C TRP A 203 -9.70 13.91 5.73
N ALA A 204 -9.39 12.79 6.39
CA ALA A 204 -8.84 11.63 5.69
C ALA A 204 -9.83 11.13 4.65
N LEU A 205 -11.10 11.12 5.06
CA LEU A 205 -12.18 10.71 4.16
C LEU A 205 -12.43 11.78 3.09
N GLU A 206 -12.21 13.05 3.44
CA GLU A 206 -12.47 14.13 2.49
C GLU A 206 -11.42 14.15 1.35
N GLN A 207 -10.21 13.71 1.68
CA GLN A 207 -9.08 13.65 0.73
C GLN A 207 -8.86 12.25 0.10
N LEU A 208 -9.69 11.26 0.50
CA LEU A 208 -9.50 9.86 0.10
CA LEU A 208 -9.50 9.88 0.12
C LEU A 208 -9.50 9.68 -1.41
N TRP A 209 -10.42 10.36 -2.10
CA TRP A 209 -10.51 10.26 -3.59
C TRP A 209 -9.13 10.41 -4.26
N PHE A 210 -8.30 11.26 -3.68
CA PHE A 210 -6.99 11.58 -4.24
C PHE A 210 -6.09 10.34 -4.18
N PHE A 211 -6.20 9.59 -3.08
CA PHE A 211 -5.35 8.41 -2.88
C PHE A 211 -5.92 7.15 -3.52
N TRP A 212 -7.06 7.31 -4.21
CA TRP A 212 -7.48 6.31 -5.20
C TRP A 212 -6.98 6.68 -6.60
N VAL A 213 -7.32 7.88 -7.09
CA VAL A 213 -6.97 8.18 -8.47
C VAL A 213 -5.46 8.26 -8.73
N VAL A 214 -4.69 8.88 -7.82
CA VAL A 214 -3.28 9.09 -8.14
C VAL A 214 -2.43 7.79 -8.15
N PRO A 215 -2.53 6.97 -7.08
CA PRO A 215 -1.79 5.68 -7.18
C PRO A 215 -2.21 4.81 -8.37
N ILE A 216 -3.50 4.81 -8.69
CA ILE A 216 -3.99 3.96 -9.80
C ILE A 216 -3.46 4.49 -11.15
N VAL A 217 -3.53 5.80 -11.36
CA VAL A 217 -3.00 6.39 -12.59
C VAL A 217 -1.50 6.07 -12.67
N GLY A 218 -0.78 6.31 -11.57
CA GLY A 218 0.65 6.00 -11.52
C GLY A 218 0.95 4.54 -11.82
N GLY A 219 0.26 3.62 -11.13
CA GLY A 219 0.43 2.16 -11.41
C GLY A 219 0.18 1.75 -12.87
N ILE A 220 -0.86 2.34 -13.47
CA ILE A 220 -1.15 2.12 -14.89
C ILE A 220 0.02 2.61 -15.74
N ILE A 221 0.55 3.80 -15.43
CA ILE A 221 1.69 4.32 -16.18
C ILE A 221 2.88 3.37 -16.08
N GLY A 222 3.16 2.88 -14.87
CA GLY A 222 4.30 1.98 -14.68
C GLY A 222 4.15 0.69 -15.49
N GLY A 223 2.95 0.09 -15.42
CA GLY A 223 2.64 -1.12 -16.19
C GLY A 223 2.79 -0.89 -17.69
N LEU A 224 2.23 0.22 -18.20
CA LEU A 224 2.35 0.57 -19.63
C LEU A 224 3.80 0.79 -20.08
N ILE A 225 4.58 1.48 -19.27
CA ILE A 225 6.00 1.68 -19.58
C ILE A 225 6.70 0.33 -19.72
N TYR A 226 6.48 -0.55 -18.75
CA TYR A 226 7.18 -1.82 -18.82
C TYR A 226 6.75 -2.66 -20.03
N ARG A 227 5.45 -2.74 -20.24
CA ARG A 227 4.84 -3.50 -21.34
C ARG A 227 5.29 -2.97 -22.70
N THR A 228 5.22 -1.66 -22.89
CA THR A 228 5.46 -1.08 -24.20
C THR A 228 6.92 -0.75 -24.48
N LEU A 229 7.72 -0.50 -23.44
CA LEU A 229 9.14 -0.11 -23.64
C LEU A 229 10.19 -1.13 -23.23
N LEU A 230 9.97 -1.84 -22.13
CA LEU A 230 11.03 -2.66 -21.58
C LEU A 230 10.92 -4.15 -21.84
N GLU A 231 9.70 -4.65 -22.08
CA GLU A 231 9.48 -6.09 -22.06
C GLU A 231 10.02 -6.87 -23.29
N LYS A 232 9.82 -6.34 -24.50
CA LYS A 232 10.26 -7.02 -25.76
C LYS A 232 11.78 -6.83 -25.88
N ARG A 233 12.68 -7.84 -26.00
CA ARG A 233 12.60 -9.20 -26.60
C ARG A 233 11.78 -9.38 -27.88
C1 BOG B . -17.77 11.89 4.11
O1 BOG B . -17.50 11.00 3.03
C2 BOG B . -16.66 12.94 4.14
O2 BOG B . -16.57 13.54 2.84
C3 BOG B . -16.82 13.97 5.27
O3 BOG B . -17.29 15.26 4.84
C4 BOG B . -17.75 13.48 6.38
O4 BOG B . -17.42 14.22 7.56
C5 BOG B . -17.53 11.97 6.56
O5 BOG B . -17.95 11.25 5.38
C6 BOG B . -18.21 11.35 7.78
O6 BOG B . -19.61 11.62 7.77
C1' BOG B . -17.92 9.64 3.20
C2' BOG B . -16.74 8.75 2.83
C3' BOG B . -17.14 7.62 1.89
C4' BOG B . -16.00 6.61 1.75
C5' BOG B . -16.49 5.18 1.99
C6' BOG B . -15.33 4.19 1.96
C7' BOG B . -15.82 2.76 1.69
C8' BOG B . -14.98 2.09 0.63
C1 BOG C . -14.75 10.77 -1.74
O1 BOG C . -13.97 9.58 -1.99
C2 BOG C . -14.07 11.60 -0.65
O2 BOG C . -12.65 11.81 -0.86
C3 BOG C . -14.83 12.89 -0.27
O3 BOG C . -14.24 14.12 -0.71
C4 BOG C . -16.29 12.86 -0.71
O4 BOG C . -16.99 13.76 0.15
C5 BOG C . -16.84 11.43 -0.57
O5 BOG C . -16.15 10.50 -1.43
C6 BOG C . -18.36 11.32 -0.81
O6 BOG C . -18.68 11.87 -2.11
C1' BOG C . -14.51 8.28 -1.74
C2' BOG C . -13.77 7.28 -2.65
C3' BOG C . -13.90 5.85 -2.11
C4' BOG C . -13.65 4.79 -3.18
C5' BOG C . -13.84 3.38 -2.61
C6' BOG C . -13.75 2.28 -3.67
C7' BOG C . -13.83 0.90 -3.03
C8' BOG C . -13.87 -0.26 -4.02
HG HG D . 4.20 0.64 -1.85
HG HG E . 3.29 -1.27 -0.47
HG HG F . 1.88 -0.11 0.91
HG HG G . 1.59 -2.54 -1.64
#